data_1W9F
#
_entry.id   1W9F
#
_cell.length_a   91.802
_cell.length_b   91.802
_cell.length_c   79.865
_cell.angle_alpha   90.00
_cell.angle_beta   90.00
_cell.angle_gamma   90.00
#
_symmetry.space_group_name_H-M   'P 43 21 2'
#
loop_
_entity.id
_entity.type
_entity.pdbx_description
1 polymer 'NON CATALYTIC PROTEIN 1'
2 water water
#
_entity_poly.entity_id   1
_entity_poly.type   'polypeptide(L)'
_entity_poly.pdbx_seq_one_letter_code
;SNVRATYTVIFKNASGLPNGYDNWGWGCTLSYYGGAMIINPQEGKYGAVSLKRNSGSFRGGSLRFDMKNEGKVKILVENS
EADEKFEVETISPSDEYVTYILDVDFDLPFDAIDFQDAPGNGDRIWIKNLVHSTGSADDFVDPINLHHH
;
_entity_poly.pdbx_strand_id   A,B
#
# COMPACT_ATOMS: atom_id res chain seq x y z
N VAL A 3 33.24 9.67 13.26
CA VAL A 3 33.78 8.59 12.38
C VAL A 3 32.91 7.30 12.39
N ARG A 4 31.89 7.19 13.25
CA ARG A 4 30.94 6.10 13.09
C ARG A 4 30.05 6.40 11.88
N ALA A 5 30.21 5.63 10.81
CA ALA A 5 29.32 5.77 9.65
C ALA A 5 27.96 5.34 10.12
N THR A 6 26.92 6.08 9.73
CA THR A 6 25.55 5.61 9.89
C THR A 6 25.09 4.95 8.58
N TYR A 7 24.55 3.75 8.73
CA TYR A 7 23.95 3.00 7.64
C TYR A 7 22.44 3.02 7.78
N THR A 8 21.77 3.48 6.74
CA THR A 8 20.30 3.45 6.72
C THR A 8 19.86 2.46 5.65
N VAL A 9 19.22 1.39 6.09
CA VAL A 9 18.76 0.36 5.18
C VAL A 9 17.41 0.83 4.66
N ILE A 10 17.35 1.18 3.37
CA ILE A 10 16.06 1.64 2.77
C ILE A 10 15.16 0.47 2.41
N PHE A 11 15.68 -0.52 1.71
CA PHE A 11 15.05 -1.83 1.67
C PHE A 11 16.05 -2.93 1.40
N LYS A 12 15.75 -4.13 1.91
CA LYS A 12 16.47 -5.33 1.56
C LYS A 12 15.79 -6.07 0.43
N ASN A 13 14.84 -6.95 0.76
CA ASN A 13 13.87 -7.48 -0.21
C ASN A 13 12.64 -6.58 -0.21
N ALA A 14 12.06 -6.36 -1.36
CA ALA A 14 10.87 -5.48 -1.43
C ALA A 14 9.70 -6.32 -1.80
N SER A 15 8.59 -6.07 -1.07
CA SER A 15 7.25 -6.53 -1.45
C SER A 15 6.35 -5.35 -1.87
N GLY A 16 6.83 -4.12 -1.68
CA GLY A 16 6.06 -2.91 -2.01
C GLY A 16 7.00 -1.75 -1.76
N LEU A 17 6.48 -0.53 -1.74
CA LEU A 17 7.36 0.61 -1.53
C LEU A 17 8.05 0.55 -0.18
N PRO A 18 9.27 1.03 -0.07
CA PRO A 18 9.93 0.92 1.21
C PRO A 18 9.17 1.77 2.26
N ASN A 19 9.27 1.35 3.51
CA ASN A 19 8.59 2.06 4.56
C ASN A 19 9.27 3.39 4.89
N GLY A 20 8.44 4.41 5.05
CA GLY A 20 8.91 5.76 5.17
C GLY A 20 9.15 6.44 3.83
N TYR A 21 8.80 5.76 2.74
CA TYR A 21 8.99 6.29 1.37
C TYR A 21 7.72 6.27 0.53
N ASP A 22 7.66 7.24 -0.36
CA ASP A 22 6.70 7.24 -1.43
C ASP A 22 7.52 7.25 -2.74
N ASN A 23 6.88 6.94 -3.87
CA ASN A 23 7.45 7.11 -5.22
C ASN A 23 6.81 8.31 -5.92
N TRP A 24 7.61 9.34 -6.15
CA TRP A 24 7.23 10.56 -6.81
C TRP A 24 7.79 10.61 -8.21
N GLY A 25 8.08 9.46 -8.79
CA GLY A 25 8.60 9.41 -10.14
C GLY A 25 7.49 9.49 -11.16
N TRP A 26 7.79 9.10 -12.39
CA TRP A 26 6.81 9.16 -13.48
C TRP A 26 7.16 8.09 -14.53
N GLY A 27 6.16 7.65 -15.26
CA GLY A 27 6.38 6.85 -16.48
C GLY A 27 6.78 5.40 -16.28
N CYS A 28 6.45 4.85 -15.13
CA CYS A 28 6.86 3.53 -14.75
C CYS A 28 5.72 2.81 -14.11
N THR A 29 5.83 1.50 -14.20
CA THR A 29 5.00 0.53 -13.53
C THR A 29 5.94 -0.22 -12.60
N LEU A 30 5.45 -0.60 -11.45
CA LEU A 30 6.30 -1.19 -10.43
C LEU A 30 5.64 -2.45 -10.03
N SER A 31 6.40 -3.52 -9.99
CA SER A 31 5.97 -4.75 -9.37
C SER A 31 7.13 -5.29 -8.56
N TYR A 32 6.87 -6.42 -7.90
CA TYR A 32 7.73 -6.95 -6.84
C TYR A 32 7.69 -8.48 -6.94
N TYR A 33 8.82 -9.05 -7.34
CA TYR A 33 9.00 -10.51 -7.29
C TYR A 33 10.43 -10.78 -6.90
N GLY A 34 10.64 -11.86 -6.15
CA GLY A 34 11.99 -12.28 -5.79
C GLY A 34 12.64 -11.35 -4.80
N GLY A 35 11.81 -10.55 -4.13
CA GLY A 35 12.33 -9.47 -3.30
C GLY A 35 12.90 -8.29 -4.06
N ALA A 36 12.77 -8.28 -5.39
CA ALA A 36 13.18 -7.15 -6.17
C ALA A 36 12.06 -6.13 -6.36
N MET A 37 12.44 -4.86 -6.32
CA MET A 37 11.65 -3.79 -6.94
C MET A 37 11.90 -3.82 -8.44
N ILE A 38 10.84 -4.12 -9.18
CA ILE A 38 10.97 -4.24 -10.62
C ILE A 38 10.27 -3.03 -11.28
N ILE A 39 11.07 -2.17 -11.89
CA ILE A 39 10.61 -0.95 -12.55
C ILE A 39 10.43 -1.24 -14.00
N ASN A 40 9.25 -0.99 -14.55
CA ASN A 40 9.03 -1.09 -15.98
C ASN A 40 8.67 0.27 -16.54
N PRO A 41 9.67 0.97 -17.08
CA PRO A 41 9.44 2.26 -17.68
C PRO A 41 8.59 2.17 -18.97
N GLN A 42 7.66 3.11 -19.12
CA GLN A 42 6.98 3.32 -20.41
C GLN A 42 7.92 3.95 -21.38
N GLU A 43 8.01 3.27 -22.51
CA GLU A 43 8.72 3.68 -23.71
C GLU A 43 8.28 5.10 -24.11
N GLY A 44 9.29 5.96 -24.24
CA GLY A 44 9.11 7.35 -24.60
C GLY A 44 9.08 8.30 -23.42
N LYS A 45 8.88 7.80 -22.20
CA LYS A 45 8.69 8.67 -21.03
C LYS A 45 10.02 9.04 -20.32
N TYR A 46 11.13 8.35 -20.60
CA TYR A 46 12.34 8.41 -19.73
C TYR A 46 11.92 8.30 -18.25
N GLY A 47 11.11 7.27 -18.02
CA GLY A 47 10.51 6.97 -16.75
C GLY A 47 11.54 6.87 -15.64
N ALA A 48 11.10 7.23 -14.42
CA ALA A 48 11.97 7.18 -13.28
C ALA A 48 11.17 6.79 -12.07
N VAL A 49 11.83 6.08 -11.17
CA VAL A 49 11.34 5.94 -9.83
C VAL A 49 12.08 7.02 -9.05
N SER A 50 11.32 7.77 -8.26
CA SER A 50 11.87 8.72 -7.31
C SER A 50 11.43 8.36 -5.90
N LEU A 51 12.33 7.66 -5.19
CA LEU A 51 12.10 7.21 -3.83
C LEU A 51 12.32 8.36 -2.86
N LYS A 52 11.19 8.88 -2.34
CA LYS A 52 11.09 10.15 -1.68
C LYS A 52 10.71 9.94 -0.22
N ARG A 53 11.57 10.43 0.70
CA ARG A 53 11.40 10.23 2.14
C ARG A 53 10.20 10.96 2.62
N ASN A 54 9.44 10.33 3.50
CA ASN A 54 8.25 10.96 4.11
C ASN A 54 8.64 12.17 4.96
N SER A 55 9.81 12.08 5.61
CA SER A 55 10.36 13.18 6.38
C SER A 55 11.85 12.98 6.43
N GLY A 56 12.59 14.08 6.57
CA GLY A 56 14.03 14.00 6.72
C GLY A 56 14.76 13.97 5.40
N SER A 57 16.08 13.90 5.50
CA SER A 57 17.01 14.01 4.41
C SER A 57 18.27 13.27 4.76
N PHE A 58 19.03 12.90 3.73
CA PHE A 58 20.37 12.37 3.88
C PHE A 58 21.28 13.45 3.47
N ARG A 59 22.57 13.30 3.76
CA ARG A 59 23.59 14.25 3.32
C ARG A 59 24.82 13.53 2.88
N GLY A 60 25.34 13.88 1.70
CA GLY A 60 26.53 13.23 1.15
C GLY A 60 26.47 11.73 1.38
N GLY A 61 27.61 11.15 1.70
CA GLY A 61 27.69 9.75 1.98
C GLY A 61 27.80 8.93 0.71
N SER A 62 27.37 7.65 0.81
CA SER A 62 27.33 6.71 -0.32
C SER A 62 25.97 6.01 -0.45
N LEU A 63 25.70 5.55 -1.64
CA LEU A 63 24.48 4.78 -1.96
C LEU A 63 24.96 3.43 -2.43
N ARG A 64 24.53 2.42 -1.67
CA ARG A 64 24.74 1.01 -1.98
C ARG A 64 23.43 0.35 -2.40
N PHE A 65 23.48 -0.53 -3.39
CA PHE A 65 22.33 -1.24 -3.93
C PHE A 65 22.77 -2.31 -4.96
N ASP A 66 21.99 -3.37 -5.07
CA ASP A 66 22.12 -4.33 -6.16
C ASP A 66 21.21 -3.94 -7.32
N MET A 67 21.71 -4.07 -8.53
CA MET A 67 20.91 -3.83 -9.71
C MET A 67 21.17 -4.82 -10.87
N LYS A 68 20.10 -5.28 -11.51
CA LYS A 68 20.16 -5.77 -12.87
C LYS A 68 19.28 -4.89 -13.78
N ASN A 69 19.73 -4.67 -15.01
CA ASN A 69 19.09 -3.72 -15.90
C ASN A 69 19.38 -4.00 -17.38
N GLU A 70 18.32 -4.09 -18.18
CA GLU A 70 18.37 -4.29 -19.62
C GLU A 70 18.76 -3.03 -20.37
N GLY A 71 18.95 -1.90 -19.67
CA GLY A 71 19.27 -0.63 -20.32
C GLY A 71 20.20 0.18 -19.48
N LYS A 72 20.62 1.32 -20.01
CA LYS A 72 21.40 2.26 -19.18
C LYS A 72 20.49 2.92 -18.10
N VAL A 73 21.04 3.08 -16.88
CA VAL A 73 20.26 3.58 -15.74
C VAL A 73 20.98 4.77 -15.15
N LYS A 74 20.29 5.90 -15.11
CA LYS A 74 20.76 7.05 -14.37
C LYS A 74 20.34 6.97 -12.88
N ILE A 75 21.29 7.28 -12.01
CA ILE A 75 21.08 7.40 -10.59
C ILE A 75 21.20 8.89 -10.30
N LEU A 76 20.19 9.47 -9.65
CA LEU A 76 20.21 10.85 -9.16
C LEU A 76 19.76 10.92 -7.71
N VAL A 77 19.97 12.09 -7.13
CA VAL A 77 19.38 12.48 -5.84
C VAL A 77 18.83 13.88 -5.96
N GLU A 78 17.87 14.21 -5.10
CA GLU A 78 17.17 15.46 -5.16
C GLU A 78 16.89 16.07 -3.80
N ASN A 79 17.00 17.39 -3.74
CA ASN A 79 16.45 18.17 -2.66
C ASN A 79 15.15 18.71 -3.24
N SER A 80 14.01 18.33 -2.67
CA SER A 80 12.73 18.70 -3.27
C SER A 80 12.26 20.13 -2.85
N GLU A 81 12.78 20.64 -1.74
CA GLU A 81 12.60 22.07 -1.40
C GLU A 81 13.35 22.99 -2.35
N ALA A 82 14.61 22.72 -2.61
CA ALA A 82 15.40 23.55 -3.52
C ALA A 82 15.07 23.29 -4.99
N ASP A 83 14.09 22.40 -5.21
CA ASP A 83 13.84 21.78 -6.52
C ASP A 83 15.13 21.51 -7.29
N GLU A 84 16.09 20.91 -6.61
CA GLU A 84 17.43 20.68 -7.15
C GLU A 84 17.71 19.17 -7.35
N LYS A 85 18.04 18.78 -8.58
CA LYS A 85 18.43 17.40 -8.90
C LYS A 85 19.93 17.33 -9.03
N PHE A 86 20.47 16.10 -8.90
CA PHE A 86 21.90 15.85 -8.97
C PHE A 86 22.23 14.44 -9.45
N GLU A 87 22.98 14.32 -10.54
CA GLU A 87 23.33 13.01 -11.10
C GLU A 87 24.46 12.41 -10.31
N VAL A 88 24.33 11.14 -9.94
CA VAL A 88 25.33 10.42 -9.15
C VAL A 88 26.18 9.52 -10.03
N GLU A 89 25.58 8.95 -11.07
CA GLU A 89 26.25 7.97 -11.91
C GLU A 89 25.25 7.52 -12.96
N THR A 90 25.75 6.97 -14.05
CA THR A 90 24.96 6.26 -15.05
C THR A 90 25.49 4.83 -15.09
N ILE A 91 24.65 3.83 -15.37
CA ILE A 91 25.06 2.43 -15.25
C ILE A 91 24.67 1.57 -16.48
N SER A 92 25.66 0.80 -16.97
CA SER A 92 25.53 -0.03 -18.19
C SER A 92 24.63 -1.22 -17.97
N PRO A 93 23.97 -1.66 -19.03
CA PRO A 93 23.20 -2.89 -18.94
C PRO A 93 24.01 -4.02 -18.24
N SER A 94 23.31 -4.76 -17.39
CA SER A 94 23.83 -5.97 -16.78
C SER A 94 22.70 -7.00 -16.62
N ASP A 95 22.98 -8.23 -17.04
CA ASP A 95 21.99 -9.34 -17.01
C ASP A 95 21.91 -9.94 -15.65
N GLU A 96 22.91 -9.66 -14.84
CA GLU A 96 22.95 -10.18 -13.50
C GLU A 96 23.08 -9.00 -12.52
N TYR A 97 22.72 -9.23 -11.27
CA TYR A 97 22.83 -8.22 -10.23
C TYR A 97 24.27 -7.90 -9.95
N VAL A 98 24.59 -6.61 -9.93
CA VAL A 98 25.89 -6.12 -9.56
C VAL A 98 25.60 -5.23 -8.38
N THR A 99 26.50 -5.25 -7.38
CA THR A 99 26.41 -4.37 -6.25
C THR A 99 27.14 -3.12 -6.61
N TYR A 100 26.58 -1.97 -6.22
CA TYR A 100 27.20 -0.66 -6.52
C TYR A 100 27.20 0.12 -5.24
N ILE A 101 28.32 0.79 -4.97
CA ILE A 101 28.49 1.63 -3.80
C ILE A 101 29.15 2.83 -4.42
N LEU A 102 28.43 3.96 -4.36
CA LEU A 102 28.71 5.16 -5.14
C LEU A 102 28.68 6.30 -4.18
N ASP A 103 29.59 7.26 -4.37
CA ASP A 103 29.58 8.47 -3.54
C ASP A 103 28.55 9.50 -4.04
N VAL A 104 28.05 10.30 -3.12
CA VAL A 104 27.08 11.32 -3.47
C VAL A 104 27.71 12.65 -3.12
N ASP A 105 28.29 13.31 -4.13
CA ASP A 105 29.00 14.61 -3.94
C ASP A 105 28.05 15.81 -3.95
N PHE A 106 26.76 15.54 -3.86
CA PHE A 106 25.75 16.58 -3.85
C PHE A 106 25.96 17.48 -2.62
N ASP A 107 25.77 18.76 -2.88
CA ASP A 107 26.19 19.87 -2.05
C ASP A 107 25.07 20.27 -1.11
N LEU A 108 23.89 19.66 -1.28
CA LEU A 108 22.77 19.86 -0.35
C LEU A 108 22.29 18.50 0.20
N PRO A 109 21.55 18.49 1.29
CA PRO A 109 20.82 17.29 1.65
C PRO A 109 19.90 16.85 0.52
N PHE A 110 19.58 15.55 0.53
CA PHE A 110 18.67 14.96 -0.46
C PHE A 110 17.66 14.07 0.23
N ASP A 111 16.39 14.31 -0.09
CA ASP A 111 15.29 13.52 0.41
C ASP A 111 14.67 12.54 -0.63
N ALA A 112 15.15 12.54 -1.87
CA ALA A 112 14.69 11.61 -2.91
C ALA A 112 15.89 11.02 -3.63
N ILE A 113 15.78 9.74 -3.95
CA ILE A 113 16.78 8.94 -4.65
C ILE A 113 16.11 8.37 -5.92
N ASP A 114 16.67 8.73 -7.09
CA ASP A 114 16.04 8.39 -8.37
C ASP A 114 16.80 7.34 -9.16
N PHE A 115 16.03 6.51 -9.83
CA PHE A 115 16.52 5.50 -10.78
C PHE A 115 15.76 5.72 -12.09
N GLN A 116 16.45 6.16 -13.13
CA GLN A 116 15.82 6.57 -14.40
C GLN A 116 16.26 5.79 -15.66
N ASP A 117 15.24 5.37 -16.43
CA ASP A 117 15.38 4.82 -17.77
C ASP A 117 16.01 5.86 -18.74
N ALA A 118 17.34 5.98 -18.66
CA ALA A 118 18.13 6.95 -19.44
C ALA A 118 17.87 6.94 -20.99
N PRO A 119 17.88 5.78 -21.66
CA PRO A 119 17.48 5.73 -23.10
C PRO A 119 15.98 6.02 -23.40
N GLY A 120 15.11 5.92 -22.42
CA GLY A 120 13.70 6.18 -22.67
C GLY A 120 13.04 5.07 -23.47
N ASN A 121 13.78 3.96 -23.65
CA ASN A 121 13.34 2.83 -24.47
C ASN A 121 12.45 1.82 -23.75
N GLY A 122 12.27 2.00 -22.43
CA GLY A 122 11.27 1.20 -21.67
C GLY A 122 11.88 -0.06 -21.05
N ASP A 123 13.21 -0.10 -21.02
CA ASP A 123 13.97 -1.19 -20.41
C ASP A 123 13.74 -1.33 -18.87
N ARG A 124 13.51 -2.58 -18.43
CA ARG A 124 13.35 -2.91 -17.02
C ARG A 124 14.59 -2.76 -16.13
N ILE A 125 14.32 -2.47 -14.86
CA ILE A 125 15.31 -2.27 -13.79
C ILE A 125 14.86 -3.05 -12.56
N TRP A 126 15.79 -3.78 -11.98
CA TRP A 126 15.63 -4.58 -10.79
C TRP A 126 16.57 -4.03 -9.72
N ILE A 127 16.01 -3.70 -8.55
CA ILE A 127 16.80 -3.19 -7.43
C ILE A 127 16.54 -3.96 -6.14
N LYS A 128 17.59 -4.16 -5.38
CA LYS A 128 17.49 -4.75 -4.06
C LYS A 128 18.55 -4.13 -3.17
N ASN A 129 18.32 -4.19 -1.87
CA ASN A 129 19.37 -3.91 -0.90
C ASN A 129 19.91 -2.51 -1.05
N LEU A 130 19.02 -1.55 -1.02
CA LEU A 130 19.37 -0.18 -1.14
C LEU A 130 19.68 0.26 0.26
N VAL A 131 20.87 0.84 0.41
CA VAL A 131 21.39 1.32 1.71
C VAL A 131 22.16 2.63 1.49
N HIS A 132 21.94 3.61 2.37
CA HIS A 132 22.80 4.78 2.47
C HIS A 132 23.79 4.74 3.67
N SER A 133 25.02 5.18 3.41
CA SER A 133 26.00 5.46 4.44
C SER A 133 26.30 6.97 4.44
N THR A 134 26.36 7.57 5.61
CA THR A 134 26.96 8.93 5.78
C THR A 134 28.45 9.01 5.37
N GLY A 135 29.12 7.87 5.30
CA GLY A 135 30.51 7.78 4.90
C GLY A 135 30.79 7.56 3.43
N SER A 136 32.06 7.34 3.12
CA SER A 136 32.52 7.19 1.76
C SER A 136 32.14 5.81 1.23
N ALA A 137 32.19 5.68 -0.10
CA ALA A 137 32.04 4.41 -0.79
C ALA A 137 33.18 3.41 -0.51
N ASP A 138 34.41 3.93 -0.40
CA ASP A 138 35.61 3.11 -0.15
C ASP A 138 35.65 2.62 1.28
N ASP A 139 35.16 3.46 2.18
CA ASP A 139 34.94 3.12 3.57
C ASP A 139 33.65 2.31 3.87
N PHE A 140 32.90 1.94 2.83
CA PHE A 140 31.67 1.19 3.02
C PHE A 140 31.91 -0.24 3.54
N VAL A 141 31.36 -0.51 4.71
CA VAL A 141 31.32 -1.84 5.29
C VAL A 141 29.87 -2.34 5.26
N ASP A 142 29.59 -3.16 4.25
CA ASP A 142 28.24 -3.54 3.91
C ASP A 142 27.55 -4.38 4.98
N PRO A 143 26.49 -3.84 5.58
CA PRO A 143 25.71 -4.58 6.60
C PRO A 143 24.95 -5.78 6.01
N ILE A 144 24.67 -5.75 4.72
CA ILE A 144 23.94 -6.82 4.04
C ILE A 144 24.79 -8.10 3.79
N ASN A 145 25.95 -7.98 3.15
CA ASN A 145 26.86 -9.15 3.03
C ASN A 145 27.17 -9.74 4.42
N LEU A 146 27.37 -8.85 5.40
CA LEU A 146 27.76 -9.26 6.75
C LEU A 146 26.78 -10.23 7.46
N ALA B 5 -33.08 -17.70 13.57
CA ALA B 5 -31.99 -16.66 13.43
C ALA B 5 -32.49 -15.31 13.95
N THR B 6 -31.62 -14.62 14.70
CA THR B 6 -31.77 -13.17 14.99
C THR B 6 -31.02 -12.36 13.94
N TYR B 7 -31.77 -11.48 13.27
CA TYR B 7 -31.25 -10.58 12.26
C TYR B 7 -31.11 -9.21 12.90
N THR B 8 -29.89 -8.67 12.84
CA THR B 8 -29.62 -7.25 13.20
C THR B 8 -29.29 -6.47 11.92
N VAL B 9 -30.23 -5.64 11.51
CA VAL B 9 -30.01 -4.59 10.49
C VAL B 9 -29.05 -3.50 11.02
N ILE B 10 -27.84 -3.39 10.46
CA ILE B 10 -26.93 -2.34 10.93
C ILE B 10 -27.31 -0.98 10.27
N PHE B 11 -27.49 -0.98 8.95
CA PHE B 11 -28.17 0.10 8.26
C PHE B 11 -28.72 -0.39 6.91
N LYS B 12 -29.77 0.29 6.46
CA LYS B 12 -30.34 0.12 5.10
C LYS B 12 -29.79 1.20 4.20
N ASN B 13 -30.36 2.38 4.26
CA ASN B 13 -29.79 3.58 3.64
C ASN B 13 -29.04 4.37 4.69
N ALA B 14 -27.94 4.98 4.26
CA ALA B 14 -27.11 5.77 5.15
C ALA B 14 -26.95 7.19 4.66
N SER B 15 -27.02 8.10 5.62
CA SER B 15 -26.63 9.48 5.44
C SER B 15 -25.58 9.91 6.46
N GLY B 16 -25.09 8.99 7.28
CA GLY B 16 -24.11 9.21 8.32
C GLY B 16 -23.78 7.83 8.86
N LEU B 17 -22.95 7.74 9.90
CA LEU B 17 -22.57 6.45 10.51
C LEU B 17 -23.84 5.77 11.08
N PRO B 18 -23.99 4.47 11.00
CA PRO B 18 -25.14 3.81 11.63
C PRO B 18 -25.30 4.13 13.13
N ASN B 19 -26.54 4.19 13.60
CA ASN B 19 -26.82 4.39 15.00
C ASN B 19 -26.16 3.26 15.78
N GLY B 20 -25.41 3.67 16.82
CA GLY B 20 -24.72 2.77 17.71
C GLY B 20 -23.37 2.30 17.25
N TYR B 21 -22.83 2.96 16.22
CA TYR B 21 -21.59 2.57 15.60
C TYR B 21 -20.67 3.75 15.40
N ASP B 22 -19.38 3.47 15.44
CA ASP B 22 -18.33 4.41 15.17
C ASP B 22 -17.53 3.84 13.99
N ASN B 23 -16.67 4.71 13.44
CA ASN B 23 -15.65 4.31 12.51
C ASN B 23 -14.28 4.37 13.17
N TRP B 24 -13.73 3.19 13.33
CA TRP B 24 -12.42 2.92 13.82
C TRP B 24 -11.51 2.49 12.65
N GLY B 25 -11.90 2.68 11.40
CA GLY B 25 -10.98 2.39 10.32
C GLY B 25 -9.84 3.39 10.16
N TRP B 26 -9.06 3.23 9.09
CA TRP B 26 -7.93 4.08 8.79
C TRP B 26 -7.87 4.28 7.25
N GLY B 27 -7.27 5.41 6.83
CA GLY B 27 -6.87 5.63 5.43
C GLY B 27 -8.03 5.80 4.47
N CYS B 28 -9.15 6.32 4.99
CA CYS B 28 -10.39 6.47 4.25
C CYS B 28 -11.08 7.73 4.71
N THR B 29 -11.98 8.15 3.87
CA THR B 29 -12.85 9.23 4.05
C THR B 29 -14.20 8.62 3.68
N LEU B 30 -15.25 8.99 4.41
CA LEU B 30 -16.65 8.55 4.13
C LEU B 30 -17.56 9.67 3.59
N SER B 31 -18.41 9.33 2.63
CA SER B 31 -19.42 10.27 2.13
C SER B 31 -20.69 9.49 1.87
N TYR B 32 -21.79 10.21 1.80
CA TYR B 32 -23.09 9.54 1.61
C TYR B 32 -23.83 10.10 0.44
N TYR B 33 -24.33 9.21 -0.41
CA TYR B 33 -25.23 9.66 -1.47
C TYR B 33 -26.06 8.51 -1.97
N GLY B 34 -27.36 8.73 -2.16
CA GLY B 34 -28.26 7.67 -2.65
C GLY B 34 -28.60 6.62 -1.60
N GLY B 35 -28.36 6.98 -0.34
CA GLY B 35 -28.42 6.04 0.73
C GLY B 35 -27.24 5.09 0.82
N ALA B 36 -26.20 5.29 0.00
CA ALA B 36 -24.95 4.52 0.08
C ALA B 36 -23.97 5.14 1.08
N MET B 37 -23.32 4.27 1.83
CA MET B 37 -22.12 4.66 2.54
C MET B 37 -20.99 4.51 1.53
N ILE B 38 -20.33 5.62 1.19
CA ILE B 38 -19.33 5.58 0.15
C ILE B 38 -17.95 5.73 0.77
N ILE B 39 -17.14 4.69 0.63
CA ILE B 39 -15.80 4.65 1.14
C ILE B 39 -14.88 5.13 0.07
N ASN B 40 -14.13 6.18 0.44
CA ASN B 40 -13.10 6.75 -0.38
C ASN B 40 -11.72 6.47 0.21
N PRO B 41 -11.15 5.30 -0.09
CA PRO B 41 -9.81 5.04 0.40
C PRO B 41 -8.71 5.91 -0.20
N GLN B 42 -7.75 6.19 0.65
CA GLN B 42 -6.58 6.91 0.28
C GLN B 42 -5.53 5.95 -0.22
N GLU B 43 -4.92 6.43 -1.27
CA GLU B 43 -4.00 5.71 -2.08
C GLU B 43 -2.75 5.42 -1.25
N GLY B 44 -2.28 4.18 -1.33
CA GLY B 44 -1.12 3.76 -0.62
C GLY B 44 -1.41 3.37 0.81
N LYS B 45 -2.66 3.50 1.27
CA LYS B 45 -2.95 3.18 2.66
C LYS B 45 -3.57 1.80 2.87
N TYR B 46 -4.07 1.12 1.85
CA TYR B 46 -4.93 -0.07 2.04
C TYR B 46 -5.99 0.23 3.12
N GLY B 47 -6.68 1.35 2.93
CA GLY B 47 -7.61 1.87 3.89
C GLY B 47 -8.79 0.98 4.14
N ALA B 48 -9.30 1.06 5.37
CA ALA B 48 -10.48 0.32 5.75
C ALA B 48 -11.42 1.18 6.56
N VAL B 49 -12.70 1.03 6.28
CA VAL B 49 -13.72 1.37 7.28
C VAL B 49 -13.92 0.20 8.27
N SER B 50 -14.02 0.54 9.53
CA SER B 50 -14.28 -0.45 10.56
C SER B 50 -15.47 0.01 11.34
N LEU B 51 -16.63 -0.54 10.97
CA LEU B 51 -17.86 -0.22 11.69
C LEU B 51 -17.85 -0.95 13.03
N LYS B 52 -17.68 -0.15 14.08
CA LYS B 52 -17.49 -0.63 15.44
C LYS B 52 -18.72 -0.31 16.32
N ARG B 53 -19.31 -1.38 16.87
CA ARG B 53 -20.41 -1.27 17.83
C ARG B 53 -19.93 -0.60 19.08
N ASN B 54 -20.66 0.40 19.57
CA ASN B 54 -20.26 1.01 20.85
C ASN B 54 -20.59 0.13 22.05
N SER B 55 -21.71 -0.59 21.98
CA SER B 55 -21.94 -1.69 22.93
C SER B 55 -22.37 -2.95 22.22
N GLY B 56 -21.75 -4.04 22.65
CA GLY B 56 -22.22 -5.36 22.40
C GLY B 56 -21.36 -6.01 21.36
N SER B 57 -21.80 -7.20 20.96
CA SER B 57 -21.03 -8.02 20.07
C SER B 57 -21.89 -8.98 19.27
N PHE B 58 -21.33 -9.40 18.14
CA PHE B 58 -21.91 -10.43 17.27
C PHE B 58 -21.13 -11.73 17.47
N ARG B 59 -21.76 -12.86 17.14
CA ARG B 59 -21.11 -14.16 17.14
C ARG B 59 -21.46 -14.92 15.88
N GLY B 60 -20.43 -15.24 15.12
CA GLY B 60 -20.58 -16.03 13.93
C GLY B 60 -21.61 -15.50 12.94
N GLY B 61 -22.41 -16.43 12.44
CA GLY B 61 -23.58 -16.11 11.67
C GLY B 61 -23.19 -15.73 10.28
N SER B 62 -23.86 -14.73 9.75
CA SER B 62 -23.64 -14.36 8.37
C SER B 62 -23.87 -12.87 8.18
N LEU B 63 -23.10 -12.32 7.26
CA LEU B 63 -23.14 -10.89 7.02
C LEU B 63 -23.76 -10.75 5.67
N ARG B 64 -24.80 -9.91 5.64
CA ARG B 64 -25.46 -9.59 4.38
C ARG B 64 -25.34 -8.09 4.09
N PHE B 65 -25.12 -7.74 2.83
CA PHE B 65 -24.99 -6.35 2.41
C PHE B 65 -25.08 -6.26 0.86
N ASP B 66 -25.51 -5.09 0.38
CA ASP B 66 -25.28 -4.76 -1.01
C ASP B 66 -23.97 -4.00 -1.16
N MET B 67 -23.26 -4.30 -2.23
CA MET B 67 -21.98 -3.65 -2.53
C MET B 67 -21.77 -3.47 -4.04
N LYS B 68 -21.39 -2.26 -4.42
CA LYS B 68 -20.61 -2.07 -5.62
C LYS B 68 -19.23 -1.47 -5.28
N ASN B 69 -18.25 -1.76 -6.13
CA ASN B 69 -16.84 -1.56 -5.82
C ASN B 69 -15.92 -1.59 -7.06
N GLU B 70 -15.01 -0.63 -7.16
CA GLU B 70 -14.12 -0.49 -8.31
C GLU B 70 -12.95 -1.45 -8.28
N GLY B 71 -12.69 -2.02 -7.11
CA GLY B 71 -11.53 -2.83 -6.91
C GLY B 71 -11.96 -3.94 -6.02
N LYS B 72 -10.99 -4.79 -5.70
CA LYS B 72 -11.19 -5.85 -4.74
C LYS B 72 -11.36 -5.29 -3.35
N VAL B 73 -12.29 -5.92 -2.63
CA VAL B 73 -12.63 -5.55 -1.28
C VAL B 73 -12.43 -6.73 -0.35
N LYS B 74 -11.63 -6.52 0.70
CA LYS B 74 -11.52 -7.47 1.81
C LYS B 74 -12.62 -7.18 2.84
N ILE B 75 -13.42 -8.20 3.13
CA ILE B 75 -14.37 -8.19 4.24
C ILE B 75 -13.70 -8.85 5.45
N LEU B 76 -13.70 -8.14 6.57
CA LEU B 76 -13.15 -8.63 7.81
C LEU B 76 -14.07 -8.31 8.95
N VAL B 77 -14.00 -9.15 9.98
CA VAL B 77 -14.63 -8.89 11.23
C VAL B 77 -13.49 -8.80 12.23
N GLU B 78 -13.75 -8.17 13.36
CA GLU B 78 -12.72 -7.88 14.31
C GLU B 78 -13.25 -8.01 15.71
N ASN B 79 -12.40 -8.54 16.58
CA ASN B 79 -12.58 -8.49 18.04
C ASN B 79 -11.57 -7.46 18.56
N SER B 80 -12.07 -6.35 19.06
CA SER B 80 -11.22 -5.22 19.39
C SER B 80 -10.46 -5.45 20.69
N GLU B 81 -11.12 -6.04 21.69
CA GLU B 81 -10.46 -6.33 22.96
C GLU B 81 -9.28 -7.28 22.80
N ALA B 82 -9.43 -8.34 22.04
CA ALA B 82 -8.29 -9.20 21.63
C ALA B 82 -7.38 -8.57 20.54
N ASP B 83 -7.83 -7.46 19.96
CA ASP B 83 -7.21 -6.85 18.81
C ASP B 83 -6.93 -7.87 17.72
N GLU B 84 -7.96 -8.62 17.33
CA GLU B 84 -7.78 -9.62 16.27
C GLU B 84 -8.75 -9.46 15.08
N LYS B 85 -8.21 -9.56 13.87
CA LYS B 85 -8.97 -9.49 12.61
C LYS B 85 -9.11 -10.87 12.00
N PHE B 86 -10.32 -11.13 11.49
CA PHE B 86 -10.57 -12.32 10.73
C PHE B 86 -11.11 -11.98 9.33
N GLU B 87 -10.43 -12.48 8.30
CA GLU B 87 -10.86 -12.30 6.94
C GLU B 87 -11.99 -13.24 6.51
N VAL B 88 -13.17 -12.67 6.32
CA VAL B 88 -14.41 -13.37 5.96
C VAL B 88 -14.47 -13.70 4.48
N GLU B 89 -13.99 -12.80 3.62
CA GLU B 89 -14.12 -12.93 2.16
C GLU B 89 -13.38 -11.82 1.39
N THR B 90 -12.95 -12.14 0.18
CA THR B 90 -12.48 -11.11 -0.76
C THR B 90 -13.43 -11.05 -1.95
N ILE B 91 -13.75 -9.84 -2.40
CA ILE B 91 -14.80 -9.66 -3.41
C ILE B 91 -14.27 -8.91 -4.62
N SER B 92 -14.59 -9.46 -5.80
CA SER B 92 -14.15 -8.93 -7.06
C SER B 92 -14.84 -7.61 -7.39
N PRO B 93 -14.20 -6.78 -8.20
CA PRO B 93 -14.85 -5.59 -8.73
C PRO B 93 -16.24 -5.86 -9.38
N SER B 94 -17.14 -4.90 -9.21
CA SER B 94 -18.43 -4.92 -9.84
C SER B 94 -18.98 -3.49 -9.91
N ASP B 95 -19.34 -3.09 -11.14
CA ASP B 95 -19.88 -1.76 -11.44
C ASP B 95 -21.36 -1.65 -11.11
N GLU B 96 -21.95 -2.78 -10.75
CA GLU B 96 -23.33 -2.85 -10.25
C GLU B 96 -23.36 -3.36 -8.82
N TYR B 97 -24.38 -2.96 -8.07
CA TYR B 97 -24.65 -3.55 -6.76
C TYR B 97 -24.89 -5.07 -6.84
N VAL B 98 -24.18 -5.81 -6.02
CA VAL B 98 -24.43 -7.22 -5.80
C VAL B 98 -24.73 -7.48 -4.31
N THR B 99 -25.69 -8.35 -4.06
CA THR B 99 -26.03 -8.72 -2.70
C THR B 99 -25.19 -9.90 -2.32
N TYR B 100 -24.47 -9.78 -1.19
CA TYR B 100 -23.63 -10.87 -0.71
C TYR B 100 -24.20 -11.38 0.60
N ILE B 101 -23.99 -12.66 0.84
CA ILE B 101 -24.37 -13.29 2.11
C ILE B 101 -23.27 -14.27 2.45
N LEU B 102 -22.52 -13.94 3.48
CA LEU B 102 -21.25 -14.58 3.75
C LEU B 102 -21.25 -15.12 5.18
N ASP B 103 -20.99 -16.42 5.29
CA ASP B 103 -20.73 -17.01 6.59
C ASP B 103 -19.51 -16.36 7.19
N VAL B 104 -19.59 -16.13 8.51
CA VAL B 104 -18.46 -15.65 9.34
C VAL B 104 -17.93 -16.80 10.24
N ASP B 105 -16.75 -17.32 9.89
CA ASP B 105 -16.12 -18.47 10.56
C ASP B 105 -15.15 -18.12 11.71
N PHE B 106 -15.16 -16.86 12.13
CA PHE B 106 -14.38 -16.39 13.30
C PHE B 106 -14.80 -17.15 14.54
N ASP B 107 -13.83 -17.72 15.25
CA ASP B 107 -14.11 -18.40 16.51
C ASP B 107 -14.42 -17.43 17.65
N LEU B 108 -14.00 -16.16 17.53
CA LEU B 108 -14.35 -15.14 18.54
C LEU B 108 -15.63 -14.31 18.25
N PRO B 109 -16.17 -13.66 19.27
CA PRO B 109 -17.13 -12.59 19.02
C PRO B 109 -16.49 -11.44 18.20
N PHE B 110 -17.31 -10.71 17.45
CA PHE B 110 -16.79 -9.50 16.75
C PHE B 110 -17.66 -8.32 17.05
N ASP B 111 -16.99 -7.21 17.32
CA ASP B 111 -17.68 -5.96 17.58
C ASP B 111 -17.45 -4.92 16.44
N ALA B 112 -16.73 -5.32 15.41
CA ALA B 112 -16.34 -4.44 14.29
C ALA B 112 -16.42 -5.21 12.95
N ILE B 113 -16.91 -4.52 11.91
CA ILE B 113 -17.06 -5.07 10.58
C ILE B 113 -16.30 -4.15 9.62
N ASP B 114 -15.42 -4.75 8.82
CA ASP B 114 -14.50 -3.97 8.00
C ASP B 114 -14.68 -4.23 6.53
N PHE B 115 -14.47 -3.15 5.78
CA PHE B 115 -14.40 -3.11 4.33
C PHE B 115 -13.07 -2.45 3.94
N GLN B 116 -12.17 -3.23 3.29
CA GLN B 116 -10.80 -2.78 3.06
C GLN B 116 -10.46 -2.69 1.56
N ASP B 117 -9.84 -1.57 1.20
CA ASP B 117 -9.32 -1.38 -0.14
C ASP B 117 -8.04 -2.25 -0.32
N ALA B 118 -8.27 -3.48 -0.79
CA ALA B 118 -7.22 -4.52 -0.84
C ALA B 118 -6.07 -4.21 -1.82
N PRO B 119 -6.36 -3.65 -3.00
CA PRO B 119 -5.29 -3.15 -3.87
C PRO B 119 -4.54 -1.91 -3.39
N GLY B 120 -5.14 -1.12 -2.50
CA GLY B 120 -4.46 0.02 -1.96
C GLY B 120 -4.42 1.20 -2.86
N ASN B 121 -5.22 1.19 -3.94
CA ASN B 121 -5.18 2.22 -5.00
C ASN B 121 -6.27 3.31 -4.96
N GLY B 122 -7.07 3.32 -3.90
CA GLY B 122 -8.14 4.28 -3.75
C GLY B 122 -9.46 3.90 -4.43
N ASP B 123 -9.58 2.70 -4.97
CA ASP B 123 -10.84 2.26 -5.53
C ASP B 123 -11.95 2.50 -4.51
N ARG B 124 -13.07 3.04 -5.01
CA ARG B 124 -14.26 3.34 -4.22
C ARG B 124 -15.15 2.16 -3.95
N ILE B 125 -15.90 2.28 -2.83
CA ILE B 125 -16.79 1.22 -2.32
C ILE B 125 -18.06 1.88 -1.84
N TRP B 126 -19.19 1.32 -2.29
CA TRP B 126 -20.55 1.78 -2.00
C TRP B 126 -21.20 0.58 -1.31
N ILE B 127 -21.73 0.81 -0.10
CA ILE B 127 -22.39 -0.18 0.73
C ILE B 127 -23.82 0.26 1.16
N LYS B 128 -24.76 -0.67 1.09
CA LYS B 128 -26.11 -0.47 1.58
C LYS B 128 -26.60 -1.77 2.23
N ASN B 129 -27.60 -1.66 3.09
CA ASN B 129 -28.41 -2.81 3.50
C ASN B 129 -27.56 -3.88 4.16
N LEU B 130 -26.86 -3.51 5.23
CA LEU B 130 -25.93 -4.39 5.96
C LEU B 130 -26.70 -4.96 7.15
N VAL B 131 -26.72 -6.30 7.21
CA VAL B 131 -27.52 -7.09 8.17
C VAL B 131 -26.62 -8.23 8.64
N HIS B 132 -26.58 -8.45 9.94
CA HIS B 132 -26.04 -9.69 10.51
C HIS B 132 -27.24 -10.63 10.81
N SER B 133 -27.04 -11.91 10.53
CA SER B 133 -27.89 -12.99 11.00
C SER B 133 -27.06 -13.92 11.88
N THR B 134 -27.66 -14.44 12.94
CA THR B 134 -26.95 -15.39 13.81
C THR B 134 -26.87 -16.74 13.11
N GLY B 135 -27.78 -16.98 12.16
CA GLY B 135 -27.79 -18.21 11.37
C GLY B 135 -26.84 -18.18 10.20
N SER B 136 -26.90 -19.20 9.37
CA SER B 136 -25.94 -19.36 8.29
C SER B 136 -26.34 -18.56 7.07
N ALA B 137 -25.41 -18.52 6.12
CA ALA B 137 -25.66 -17.93 4.84
C ALA B 137 -26.70 -18.73 4.05
N ASP B 138 -26.58 -20.05 4.08
CA ASP B 138 -27.60 -20.95 3.50
C ASP B 138 -29.03 -20.67 4.03
N ASP B 139 -29.16 -20.50 5.33
CA ASP B 139 -30.48 -20.36 5.92
C ASP B 139 -30.96 -18.91 5.91
N PHE B 140 -30.22 -17.97 5.30
CA PHE B 140 -30.53 -16.55 5.44
C PHE B 140 -31.87 -16.22 4.74
N VAL B 141 -32.83 -15.72 5.50
CA VAL B 141 -34.08 -15.28 4.90
C VAL B 141 -34.05 -13.76 4.90
N ASP B 142 -33.86 -13.22 3.71
CA ASP B 142 -33.61 -11.80 3.59
C ASP B 142 -34.76 -10.87 4.06
N PRO B 143 -34.56 -10.16 5.19
CA PRO B 143 -35.55 -9.15 5.62
C PRO B 143 -35.74 -7.95 4.68
N ILE B 144 -34.72 -7.59 3.89
CA ILE B 144 -34.71 -6.35 3.10
C ILE B 144 -35.73 -6.46 1.95
#